data_2DS0
#
_entry.id   2DS0
#
_cell.length_a   40.435
_cell.length_b   87.684
_cell.length_c   41.384
_cell.angle_alpha   90.00
_cell.angle_beta   117.36
_cell.angle_gamma   90.00
#
_symmetry.space_group_name_H-M   'P 1 21 1'
#
loop_
_entity.id
_entity.type
_entity.pdbx_description
1 polymer '29-kDa galactose-binding lectin'
2 branched 'N-acetyl-alpha-neuraminic acid-(2-6)-beta-D-galactopyranose-(1-4)-beta-D-glucopyranose'
3 non-polymer 'SULFATE ION'
4 water water
#
_entity_poly.entity_id   1
_entity_poly.type   'polypeptide(L)'
_entity_poly.pdbx_seq_one_letter_code
;PKFFYIKSELNGKVLDIGGQNPAPGSKIITWDQKKGPTAVNQLWYTDQQGVIRSKLNDFAIDASHEQIETQPFDPNNPKR
AWIVSGNTIAQLSDRDNVLGVIKSDKGASAHICAWKQHGGPNQKFIIESE
;
_entity_poly.pdbx_strand_id   A,B
#
loop_
_chem_comp.id
_chem_comp.type
_chem_comp.name
_chem_comp.formula
BGC D-saccharide, beta linking beta-D-glucopyranose 'C6 H12 O6'
GAL D-saccharide, beta linking beta-D-galactopyranose 'C6 H12 O6'
SIA D-saccharide, alpha linking 'N-acetyl-alpha-neuraminic acid' 'C11 H19 N O9'
SO4 non-polymer 'SULFATE ION' 'O4 S -2'
#
# COMPACT_ATOMS: atom_id res chain seq x y z
N PRO A 1 -21.19 -0.53 -11.90
CA PRO A 1 -21.36 -0.17 -13.32
C PRO A 1 -20.33 -0.89 -14.21
N LYS A 2 -19.09 -0.41 -14.18
CA LYS A 2 -18.01 -1.03 -14.96
C LYS A 2 -17.50 -2.24 -14.20
N PHE A 3 -17.95 -3.43 -14.59
CA PHE A 3 -17.55 -4.65 -13.91
C PHE A 3 -16.55 -5.47 -14.71
N PHE A 4 -15.80 -6.32 -14.01
CA PHE A 4 -14.80 -7.16 -14.65
C PHE A 4 -14.53 -8.43 -13.87
N TYR A 5 -13.93 -9.41 -14.54
CA TYR A 5 -13.56 -10.67 -13.91
C TYR A 5 -12.08 -10.54 -13.60
N ILE A 6 -11.60 -11.31 -12.63
CA ILE A 6 -10.17 -11.33 -12.31
C ILE A 6 -9.79 -12.79 -12.55
N LYS A 7 -9.12 -13.04 -13.67
CA LYS A 7 -8.74 -14.39 -14.05
C LYS A 7 -7.32 -14.78 -13.69
N SER A 8 -7.16 -15.95 -13.10
CA SER A 8 -5.86 -16.48 -12.69
C SER A 8 -5.04 -17.01 -13.86
N GLU A 9 -3.75 -16.65 -13.90
CA GLU A 9 -2.88 -17.14 -14.96
C GLU A 9 -2.35 -18.53 -14.61
N LEU A 10 -2.74 -19.03 -13.45
CA LEU A 10 -2.31 -20.37 -13.03
C LEU A 10 -3.27 -21.44 -13.57
N ASN A 11 -4.57 -21.26 -13.31
CA ASN A 11 -5.55 -22.25 -13.76
C ASN A 11 -6.63 -21.76 -14.71
N GLY A 12 -6.60 -20.48 -15.07
CA GLY A 12 -7.59 -19.96 -16.00
C GLY A 12 -8.98 -19.75 -15.41
N LYS A 13 -9.12 -20.01 -14.11
CA LYS A 13 -10.40 -19.81 -13.43
C LYS A 13 -10.41 -18.39 -12.90
N VAL A 14 -11.57 -17.94 -12.41
CA VAL A 14 -11.69 -16.57 -11.94
C VAL A 14 -12.00 -16.42 -10.46
N LEU A 15 -11.65 -15.27 -9.87
CA LEU A 15 -11.93 -15.05 -8.45
C LEU A 15 -13.44 -15.15 -8.32
N ASP A 16 -13.86 -15.88 -7.30
CA ASP A 16 -15.27 -16.19 -7.11
C ASP A 16 -15.59 -16.28 -5.62
N ILE A 17 -16.66 -15.61 -5.17
CA ILE A 17 -17.05 -15.69 -3.77
C ILE A 17 -17.76 -17.03 -3.63
N GLY A 18 -17.09 -17.97 -2.96
CA GLY A 18 -17.63 -19.30 -2.78
C GLY A 18 -19.12 -19.40 -2.50
N GLY A 19 -19.82 -20.21 -3.31
CA GLY A 19 -21.24 -20.41 -3.14
C GLY A 19 -22.07 -19.15 -3.21
N GLN A 20 -21.48 -18.08 -3.74
CA GLN A 20 -22.15 -16.80 -3.87
C GLN A 20 -22.60 -16.30 -2.51
N ASN A 21 -21.91 -16.75 -1.46
CA ASN A 21 -22.26 -16.34 -0.10
C ASN A 21 -22.05 -14.83 0.04
N PRO A 22 -23.13 -14.10 0.38
CA PRO A 22 -23.07 -12.63 0.54
C PRO A 22 -22.54 -12.15 1.89
N ALA A 23 -22.45 -13.05 2.85
CA ALA A 23 -21.97 -12.70 4.18
C ALA A 23 -20.49 -12.37 4.25
N PRO A 24 -20.10 -11.49 5.17
CA PRO A 24 -18.69 -11.13 5.32
C PRO A 24 -17.91 -12.34 5.80
N GLY A 25 -16.63 -12.40 5.49
CA GLY A 25 -15.82 -13.53 5.91
C GLY A 25 -15.93 -14.72 4.98
N SER A 26 -16.65 -14.56 3.88
CA SER A 26 -16.83 -15.65 2.91
C SER A 26 -15.54 -15.80 2.09
N LYS A 27 -15.06 -17.04 1.98
CA LYS A 27 -13.82 -17.30 1.24
C LYS A 27 -13.95 -17.02 -0.25
N ILE A 28 -12.87 -16.47 -0.80
CA ILE A 28 -12.79 -16.19 -2.24
C ILE A 28 -11.94 -17.29 -2.85
N ILE A 29 -12.51 -18.00 -3.82
CA ILE A 29 -11.82 -19.08 -4.49
C ILE A 29 -11.70 -18.74 -5.97
N THR A 30 -11.18 -19.70 -6.75
CA THR A 30 -11.10 -19.55 -8.21
C THR A 30 -12.05 -20.62 -8.70
N TRP A 31 -12.94 -20.24 -9.62
CA TRP A 31 -13.91 -21.18 -10.17
C TRP A 31 -14.13 -20.89 -11.64
N ASP A 32 -14.63 -21.88 -12.38
CA ASP A 32 -14.87 -21.71 -13.80
C ASP A 32 -15.62 -20.42 -14.08
N GLN A 33 -15.16 -19.67 -15.07
CA GLN A 33 -15.80 -18.42 -15.42
C GLN A 33 -17.24 -18.66 -15.88
N LYS A 34 -18.15 -17.90 -15.29
CA LYS A 34 -19.57 -18.00 -15.61
C LYS A 34 -19.98 -16.78 -16.43
N LYS A 35 -21.10 -16.89 -17.12
CA LYS A 35 -21.60 -15.78 -17.92
C LYS A 35 -23.09 -15.63 -17.63
N GLY A 36 -23.59 -14.41 -17.77
CA GLY A 36 -25.00 -14.18 -17.51
C GLY A 36 -25.28 -13.77 -16.08
N PRO A 37 -26.56 -13.75 -15.67
CA PRO A 37 -27.02 -13.37 -14.34
C PRO A 37 -26.31 -14.01 -13.15
N THR A 38 -25.97 -15.29 -13.26
CA THR A 38 -25.32 -16.00 -12.17
C THR A 38 -23.86 -15.62 -11.94
N ALA A 39 -23.30 -14.82 -12.82
CA ALA A 39 -21.89 -14.42 -12.73
C ALA A 39 -21.60 -13.32 -11.71
N VAL A 40 -22.63 -12.82 -11.04
CA VAL A 40 -22.46 -11.74 -10.07
C VAL A 40 -21.36 -11.95 -9.03
N ASN A 41 -21.25 -13.15 -8.49
CA ASN A 41 -20.23 -13.42 -7.47
C ASN A 41 -18.82 -13.54 -8.05
N GLN A 42 -18.68 -13.33 -9.36
CA GLN A 42 -17.39 -13.37 -10.02
C GLN A 42 -17.08 -12.01 -10.63
N LEU A 43 -17.99 -11.06 -10.43
CA LEU A 43 -17.82 -9.73 -10.98
C LEU A 43 -17.34 -8.74 -9.92
N TRP A 44 -16.38 -7.92 -10.31
CA TRP A 44 -15.78 -6.94 -9.43
C TRP A 44 -15.72 -5.57 -10.10
N TYR A 45 -15.44 -4.54 -9.29
CA TYR A 45 -15.29 -3.18 -9.80
C TYR A 45 -14.33 -2.47 -8.87
N THR A 46 -13.89 -1.28 -9.25
CA THR A 46 -12.99 -0.52 -8.40
C THR A 46 -13.67 0.76 -7.96
N ASP A 47 -13.52 1.12 -6.69
CA ASP A 47 -14.13 2.36 -6.22
C ASP A 47 -13.30 3.50 -6.74
N GLN A 48 -13.62 4.73 -6.32
CA GLN A 48 -12.88 5.90 -6.78
C GLN A 48 -11.37 5.78 -6.63
N GLN A 49 -10.94 5.31 -5.47
CA GLN A 49 -9.51 5.17 -5.17
C GLN A 49 -8.84 4.02 -5.91
N GLY A 50 -9.63 3.20 -6.58
CA GLY A 50 -9.09 2.08 -7.32
C GLY A 50 -9.16 0.76 -6.55
N VAL A 51 -9.67 0.80 -5.33
CA VAL A 51 -9.77 -0.40 -4.53
C VAL A 51 -10.85 -1.34 -5.05
N ILE A 52 -10.52 -2.62 -5.15
CA ILE A 52 -11.44 -3.63 -5.66
C ILE A 52 -12.59 -3.99 -4.71
N ARG A 53 -13.80 -4.02 -5.25
CA ARG A 53 -14.99 -4.38 -4.49
C ARG A 53 -15.75 -5.43 -5.29
N SER A 54 -16.62 -6.17 -4.62
CA SER A 54 -17.42 -7.20 -5.30
C SER A 54 -18.77 -6.62 -5.73
N LYS A 55 -19.25 -7.02 -6.91
CA LYS A 55 -20.53 -6.54 -7.39
C LYS A 55 -21.67 -7.11 -6.52
N LEU A 56 -21.41 -8.25 -5.91
CA LEU A 56 -22.42 -8.91 -5.07
C LEU A 56 -22.89 -8.14 -3.85
N ASN A 57 -21.94 -7.56 -3.12
CA ASN A 57 -22.26 -6.83 -1.89
C ASN A 57 -21.40 -5.60 -1.65
N ASP A 58 -20.60 -5.24 -2.65
CA ASP A 58 -19.72 -4.08 -2.56
C ASP A 58 -18.62 -4.26 -1.51
N PHE A 59 -18.42 -5.49 -1.05
CA PHE A 59 -17.38 -5.76 -0.06
C PHE A 59 -16.01 -5.76 -0.71
N ALA A 60 -14.98 -5.51 0.10
CA ALA A 60 -13.61 -5.49 -0.39
C ALA A 60 -12.97 -6.86 -0.17
N ILE A 61 -11.78 -7.03 -0.71
CA ILE A 61 -11.01 -8.25 -0.54
C ILE A 61 -10.24 -8.05 0.77
N ASP A 62 -10.23 -9.06 1.63
CA ASP A 62 -9.53 -8.96 2.92
C ASP A 62 -8.55 -10.10 3.14
N ALA A 63 -7.35 -9.76 3.59
CA ALA A 63 -6.30 -10.75 3.83
C ALA A 63 -5.87 -10.82 5.29
N SER A 64 -6.83 -10.61 6.20
CA SER A 64 -6.54 -10.65 7.63
C SER A 64 -6.40 -12.08 8.15
N HIS A 65 -7.04 -13.02 7.46
CA HIS A 65 -7.01 -14.42 7.88
C HIS A 65 -6.15 -15.31 7.00
N GLU A 66 -6.19 -16.62 7.25
CA GLU A 66 -5.38 -17.57 6.50
C GLU A 66 -5.57 -17.48 5.00
N GLN A 67 -6.82 -17.33 4.56
CA GLN A 67 -7.12 -17.24 3.14
C GLN A 67 -7.92 -15.96 2.94
N ILE A 68 -7.85 -15.36 1.75
CA ILE A 68 -8.59 -14.12 1.54
C ILE A 68 -10.09 -14.37 1.59
N GLU A 69 -10.79 -13.38 2.13
CA GLU A 69 -12.24 -13.43 2.29
C GLU A 69 -12.79 -12.05 2.00
N THR A 70 -14.10 -11.96 1.84
CA THR A 70 -14.74 -10.68 1.60
C THR A 70 -15.05 -10.05 2.96
N GLN A 71 -14.94 -8.73 3.04
CA GLN A 71 -15.22 -8.01 4.28
C GLN A 71 -15.64 -6.60 3.88
N PRO A 72 -16.54 -5.98 4.68
CA PRO A 72 -16.94 -4.61 4.30
C PRO A 72 -15.69 -3.75 4.26
N PHE A 73 -15.63 -2.81 3.31
CA PHE A 73 -14.45 -1.97 3.19
C PHE A 73 -14.25 -1.04 4.37
N ASP A 74 -12.98 -0.88 4.77
CA ASP A 74 -12.60 -0.02 5.88
C ASP A 74 -11.31 0.70 5.47
N PRO A 75 -11.37 2.03 5.31
CA PRO A 75 -10.22 2.86 4.92
C PRO A 75 -9.03 2.78 5.86
N ASN A 76 -9.27 2.33 7.09
CA ASN A 76 -8.22 2.22 8.10
C ASN A 76 -7.56 0.85 8.16
N ASN A 77 -8.11 -0.12 7.43
CA ASN A 77 -7.57 -1.47 7.43
C ASN A 77 -6.75 -1.72 6.17
N PRO A 78 -5.41 -1.69 6.29
CA PRO A 78 -4.50 -1.90 5.16
C PRO A 78 -4.72 -3.22 4.44
N LYS A 79 -5.22 -4.21 5.16
CA LYS A 79 -5.44 -5.53 4.59
C LYS A 79 -6.69 -5.63 3.72
N ARG A 80 -7.45 -4.54 3.61
CA ARG A 80 -8.67 -4.57 2.79
C ARG A 80 -8.58 -3.65 1.58
N ALA A 81 -7.39 -3.12 1.31
CA ALA A 81 -7.21 -2.23 0.17
C ALA A 81 -6.35 -2.91 -0.89
N TRP A 82 -7.00 -3.48 -1.90
CA TRP A 82 -6.31 -4.16 -2.98
C TRP A 82 -6.64 -3.50 -4.31
N ILE A 83 -5.63 -3.32 -5.14
CA ILE A 83 -5.82 -2.66 -6.43
C ILE A 83 -5.26 -3.49 -7.57
N VAL A 84 -5.57 -3.07 -8.79
CA VAL A 84 -5.05 -3.73 -9.97
C VAL A 84 -3.82 -2.96 -10.40
N SER A 85 -2.68 -3.65 -10.42
CA SER A 85 -1.43 -3.02 -10.84
C SER A 85 -0.78 -3.95 -11.85
N GLY A 86 -0.94 -3.61 -13.12
CA GLY A 86 -0.38 -4.43 -14.17
C GLY A 86 -1.12 -5.76 -14.13
N ASN A 87 -0.39 -6.86 -14.05
CA ASN A 87 -1.04 -8.16 -13.99
C ASN A 87 -1.01 -8.70 -12.58
N THR A 88 -1.05 -7.80 -11.61
CA THR A 88 -1.05 -8.22 -10.21
C THR A 88 -2.17 -7.52 -9.45
N ILE A 89 -2.68 -8.20 -8.43
CA ILE A 89 -3.68 -7.60 -7.56
C ILE A 89 -2.78 -7.34 -6.35
N ALA A 90 -2.39 -6.07 -6.19
CA ALA A 90 -1.47 -5.70 -5.13
C ALA A 90 -2.11 -4.90 -4.01
N GLN A 91 -1.46 -4.92 -2.85
CA GLN A 91 -1.95 -4.18 -1.69
C GLN A 91 -1.67 -2.70 -1.92
N LEU A 92 -2.65 -1.86 -1.65
CA LEU A 92 -2.48 -0.42 -1.84
C LEU A 92 -1.27 0.11 -1.07
N SER A 93 -1.11 -0.35 0.17
CA SER A 93 -0.02 0.09 1.02
C SER A 93 1.29 -0.70 0.87
N ASP A 94 1.34 -1.66 -0.05
CA ASP A 94 2.55 -2.46 -0.26
C ASP A 94 2.46 -3.21 -1.57
N ARG A 95 2.96 -2.59 -2.64
CA ARG A 95 2.91 -3.23 -3.95
C ARG A 95 3.70 -4.53 -4.03
N ASP A 96 4.57 -4.76 -3.05
CA ASP A 96 5.36 -6.00 -3.02
C ASP A 96 4.54 -7.16 -2.47
N ASN A 97 3.39 -6.87 -1.87
CA ASN A 97 2.53 -7.91 -1.30
C ASN A 97 1.38 -8.08 -2.28
N VAL A 98 1.33 -9.23 -2.95
CA VAL A 98 0.29 -9.46 -3.95
C VAL A 98 -0.44 -10.77 -3.77
N LEU A 99 -1.65 -10.84 -4.32
CA LEU A 99 -2.46 -12.05 -4.22
C LEU A 99 -1.89 -13.15 -5.09
N GLY A 100 -2.12 -14.39 -4.66
CA GLY A 100 -1.64 -15.53 -5.42
C GLY A 100 -2.59 -16.70 -5.23
N VAL A 101 -2.75 -17.50 -6.27
CA VAL A 101 -3.62 -18.66 -6.21
C VAL A 101 -2.85 -19.86 -5.68
N ILE A 102 -3.49 -20.59 -4.76
CA ILE A 102 -2.91 -21.78 -4.16
C ILE A 102 -3.92 -22.91 -4.32
N LYS A 103 -3.57 -23.92 -5.11
CA LYS A 103 -4.47 -25.05 -5.33
C LYS A 103 -4.79 -25.79 -4.04
N SER A 104 -5.99 -26.36 -3.98
CA SER A 104 -6.43 -27.11 -2.83
C SER A 104 -5.62 -28.39 -2.65
N ASP A 105 -5.49 -28.83 -1.40
CA ASP A 105 -4.77 -30.06 -1.07
C ASP A 105 -5.80 -31.16 -0.79
N LYS A 106 -7.07 -30.82 -0.82
CA LYS A 106 -8.12 -31.80 -0.53
C LYS A 106 -9.18 -31.91 -1.63
N GLY A 107 -8.78 -31.68 -2.87
CA GLY A 107 -9.73 -31.77 -3.98
C GLY A 107 -10.75 -30.65 -4.07
N ALA A 108 -10.60 -29.63 -3.24
CA ALA A 108 -11.51 -28.50 -3.24
C ALA A 108 -11.08 -27.49 -4.30
N SER A 109 -11.77 -26.36 -4.37
CA SER A 109 -11.41 -25.32 -5.32
C SER A 109 -10.18 -24.60 -4.77
N ALA A 110 -9.39 -23.99 -5.65
CA ALA A 110 -8.20 -23.27 -5.23
C ALA A 110 -8.58 -22.04 -4.40
N HIS A 111 -7.72 -21.66 -3.47
CA HIS A 111 -8.00 -20.48 -2.65
C HIS A 111 -6.95 -19.41 -2.94
N ILE A 112 -7.09 -18.27 -2.29
CA ILE A 112 -6.17 -17.16 -2.52
C ILE A 112 -5.54 -16.66 -1.24
N CYS A 113 -4.27 -16.31 -1.33
CA CYS A 113 -3.52 -15.75 -0.21
C CYS A 113 -2.74 -14.55 -0.70
N ALA A 114 -2.16 -13.80 0.23
CA ALA A 114 -1.36 -12.64 -0.14
C ALA A 114 0.03 -12.82 0.42
N TRP A 115 1.04 -12.67 -0.44
CA TRP A 115 2.43 -12.79 0.01
C TRP A 115 3.40 -12.12 -0.95
N LYS A 116 4.65 -12.02 -0.53
CA LYS A 116 5.68 -11.37 -1.32
C LYS A 116 5.69 -11.79 -2.79
N GLN A 117 5.79 -10.80 -3.66
CA GLN A 117 5.84 -11.04 -5.11
C GLN A 117 7.02 -11.96 -5.43
N HIS A 118 6.74 -13.04 -6.15
CA HIS A 118 7.79 -13.99 -6.56
C HIS A 118 7.80 -14.30 -8.06
N GLY A 119 7.14 -13.45 -8.84
CA GLY A 119 7.13 -13.60 -10.29
C GLY A 119 6.53 -14.79 -11.03
N GLY A 120 5.96 -15.75 -10.32
CA GLY A 120 5.36 -16.89 -11.01
C GLY A 120 3.97 -16.57 -11.50
N PRO A 121 3.36 -17.46 -12.32
CA PRO A 121 2.02 -17.21 -12.83
C PRO A 121 0.96 -17.28 -11.73
N ASN A 122 1.28 -17.97 -10.64
CA ASN A 122 0.34 -18.10 -9.54
C ASN A 122 -0.01 -16.72 -8.97
N GLN A 123 0.89 -15.76 -9.15
CA GLN A 123 0.65 -14.40 -8.66
C GLN A 123 0.33 -13.43 -9.79
N LYS A 124 -0.14 -13.96 -10.91
CA LYS A 124 -0.50 -13.13 -12.05
C LYS A 124 -1.96 -13.31 -12.41
N PHE A 125 -2.62 -12.20 -12.75
CA PHE A 125 -4.03 -12.21 -13.12
C PHE A 125 -4.29 -11.34 -14.33
N ILE A 126 -5.39 -11.62 -15.01
CA ILE A 126 -5.80 -10.86 -16.19
C ILE A 126 -7.17 -10.27 -15.90
N ILE A 127 -7.32 -8.96 -16.13
CA ILE A 127 -8.58 -8.29 -15.92
C ILE A 127 -9.42 -8.42 -17.19
N GLU A 128 -10.58 -9.04 -17.06
CA GLU A 128 -11.45 -9.26 -18.20
C GLU A 128 -12.77 -8.50 -18.06
N SER A 129 -13.00 -7.54 -18.95
CA SER A 129 -14.22 -6.75 -18.92
C SER A 129 -15.43 -7.65 -19.03
N GLU A 130 -16.50 -7.31 -18.31
CA GLU A 130 -17.72 -8.10 -18.33
C GLU A 130 -18.25 -8.20 -19.77
N PRO B 1 0.36 17.62 17.96
CA PRO B 1 -1.02 17.11 18.19
C PRO B 1 -1.16 15.65 17.74
N LYS B 2 -1.71 15.45 16.55
CA LYS B 2 -1.88 14.10 16.03
C LYS B 2 -0.56 13.60 15.47
N PHE B 3 -0.20 12.38 15.82
CA PHE B 3 1.04 11.77 15.37
C PHE B 3 0.72 10.65 14.39
N PHE B 4 1.54 10.50 13.37
CA PHE B 4 1.27 9.49 12.36
C PHE B 4 2.52 8.89 11.74
N TYR B 5 2.34 7.74 11.10
CA TYR B 5 3.41 7.07 10.38
C TYR B 5 3.22 7.52 8.94
N ILE B 6 4.28 7.44 8.14
CA ILE B 6 4.18 7.78 6.72
C ILE B 6 4.64 6.47 6.05
N LYS B 7 3.67 5.70 5.55
CA LYS B 7 3.95 4.40 4.93
C LYS B 7 4.11 4.40 3.42
N SER B 8 5.22 3.84 2.95
CA SER B 8 5.53 3.75 1.52
C SER B 8 4.66 2.70 0.84
N GLU B 9 3.94 3.11 -0.21
CA GLU B 9 3.09 2.17 -0.94
C GLU B 9 3.99 1.23 -1.73
N LEU B 10 5.23 1.63 -1.95
CA LEU B 10 6.15 0.81 -2.71
C LEU B 10 6.48 -0.52 -2.03
N ASN B 11 6.86 -0.46 -0.75
CA ASN B 11 7.24 -1.67 -0.04
C ASN B 11 6.52 -1.95 1.29
N GLY B 12 5.53 -1.15 1.64
CA GLY B 12 4.82 -1.39 2.88
C GLY B 12 5.57 -1.02 4.15
N LYS B 13 6.76 -0.44 4.00
CA LYS B 13 7.54 -0.04 5.15
C LYS B 13 7.32 1.46 5.38
N VAL B 14 7.71 1.95 6.56
CA VAL B 14 7.47 3.35 6.91
C VAL B 14 8.72 4.23 7.03
N LEU B 15 8.54 5.53 6.89
CA LEU B 15 9.67 6.46 7.01
C LEU B 15 10.24 6.20 8.40
N ASP B 16 11.56 6.11 8.47
CA ASP B 16 12.22 5.75 9.71
C ASP B 16 13.56 6.46 9.82
N ILE B 17 13.86 7.03 10.99
CA ILE B 17 15.13 7.69 11.18
C ILE B 17 16.11 6.57 11.51
N GLY B 18 16.97 6.24 10.57
CA GLY B 18 17.92 5.17 10.73
C GLY B 18 18.62 5.07 12.07
N GLY B 19 18.53 3.89 12.68
CA GLY B 19 19.19 3.63 13.95
C GLY B 19 18.64 4.37 15.15
N GLN B 20 17.47 4.98 15.01
CA GLN B 20 16.84 5.72 16.10
C GLN B 20 17.68 6.96 16.45
N ASN B 21 18.54 7.36 15.53
CA ASN B 21 19.44 8.50 15.72
C ASN B 21 18.73 9.86 15.79
N PRO B 22 18.81 10.52 16.97
CA PRO B 22 18.17 11.83 17.17
C PRO B 22 19.06 13.00 16.75
N ALA B 23 20.29 12.70 16.35
CA ALA B 23 21.22 13.74 15.95
C ALA B 23 20.87 14.32 14.59
N PRO B 24 21.30 15.56 14.33
CA PRO B 24 20.99 16.16 13.04
C PRO B 24 21.75 15.43 11.93
N GLY B 25 21.22 15.49 10.72
CA GLY B 25 21.87 14.84 9.60
C GLY B 25 21.71 13.33 9.57
N SER B 26 20.69 12.81 10.25
CA SER B 26 20.46 11.38 10.28
C SER B 26 19.61 10.93 9.09
N LYS B 27 20.14 10.02 8.28
CA LYS B 27 19.41 9.56 7.12
C LYS B 27 18.07 8.92 7.45
N ILE B 28 17.09 9.19 6.59
CA ILE B 28 15.75 8.64 6.74
C ILE B 28 15.61 7.53 5.72
N ILE B 29 15.17 6.36 6.18
CA ILE B 29 14.99 5.17 5.34
C ILE B 29 13.58 4.65 5.52
N THR B 30 13.28 3.51 4.90
CA THR B 30 11.98 2.88 5.10
C THR B 30 12.34 1.63 5.91
N TRP B 31 11.52 1.31 6.90
CA TRP B 31 11.79 0.16 7.76
C TRP B 31 10.49 -0.45 8.25
N ASP B 32 10.53 -1.71 8.66
CA ASP B 32 9.34 -2.38 9.17
C ASP B 32 8.66 -1.50 10.21
N GLN B 33 7.35 -1.40 10.12
CA GLN B 33 6.60 -0.57 11.05
C GLN B 33 6.70 -1.13 12.47
N LYS B 34 7.09 -0.27 13.41
CA LYS B 34 7.22 -0.64 14.81
C LYS B 34 6.09 -0.05 15.64
N LYS B 35 6.01 -0.48 16.89
CA LYS B 35 4.98 0.02 17.81
C LYS B 35 5.63 0.29 19.17
N GLY B 36 4.94 1.05 20.00
CA GLY B 36 5.47 1.36 21.32
C GLY B 36 6.48 2.50 21.29
N PRO B 37 7.15 2.75 22.43
CA PRO B 37 8.16 3.82 22.55
C PRO B 37 9.16 3.92 21.40
N THR B 38 9.70 2.78 20.96
CA THR B 38 10.67 2.80 19.86
C THR B 38 10.11 3.35 18.57
N ALA B 39 8.79 3.28 18.40
CA ALA B 39 8.17 3.77 17.17
C ALA B 39 8.31 5.28 16.99
N VAL B 40 8.86 5.95 17.99
CA VAL B 40 9.03 7.39 17.94
C VAL B 40 9.86 7.87 16.73
N ASN B 41 10.81 7.07 16.28
CA ASN B 41 11.64 7.45 15.14
C ASN B 41 10.93 7.14 13.82
N GLN B 42 9.66 6.79 13.92
CA GLN B 42 8.82 6.50 12.75
C GLN B 42 7.54 7.32 12.83
N LEU B 43 7.45 8.20 13.84
CA LEU B 43 6.26 9.03 14.02
C LEU B 43 6.52 10.50 13.74
N TRP B 44 5.53 11.15 13.15
CA TRP B 44 5.66 12.55 12.79
C TRP B 44 4.38 13.32 13.10
N TYR B 45 4.49 14.64 13.04
CA TYR B 45 3.35 15.52 13.24
C TYR B 45 3.64 16.74 12.38
N THR B 46 2.63 17.58 12.14
CA THR B 46 2.84 18.77 11.33
C THR B 46 2.79 20.00 12.22
N ASP B 47 3.66 20.97 11.98
CA ASP B 47 3.65 22.18 12.78
C ASP B 47 2.54 23.12 12.30
N GLN B 48 2.54 24.36 12.79
CA GLN B 48 1.51 25.32 12.42
C GLN B 48 1.47 25.73 10.96
N GLN B 49 2.53 25.45 10.22
CA GLN B 49 2.57 25.79 8.81
C GLN B 49 2.31 24.55 7.97
N GLY B 50 2.04 23.43 8.65
CA GLY B 50 1.77 22.17 7.98
C GLY B 50 3.02 21.36 7.69
N VAL B 51 4.17 21.88 8.14
CA VAL B 51 5.47 21.24 7.93
C VAL B 51 5.68 20.01 8.80
N ILE B 52 6.12 18.92 8.18
CA ILE B 52 6.37 17.67 8.87
C ILE B 52 7.55 17.75 9.82
N ARG B 53 7.37 17.27 11.05
CA ARG B 53 8.41 17.27 12.07
C ARG B 53 8.43 15.87 12.70
N SER B 54 9.58 15.44 13.19
CA SER B 54 9.69 14.12 13.81
C SER B 54 9.25 14.16 15.27
N LYS B 55 8.62 13.09 15.73
CA LYS B 55 8.17 13.02 17.13
C LYS B 55 9.38 12.80 18.03
N LEU B 56 10.48 12.30 17.45
CA LEU B 56 11.69 12.04 18.22
C LEU B 56 12.44 13.28 18.68
N ASN B 57 12.58 14.27 17.80
CA ASN B 57 13.34 15.48 18.13
C ASN B 57 12.81 16.78 17.52
N ASP B 58 11.59 16.74 16.99
CA ASP B 58 10.97 17.92 16.38
C ASP B 58 11.70 18.38 15.12
N PHE B 59 12.63 17.57 14.63
CA PHE B 59 13.40 17.90 13.43
C PHE B 59 12.57 17.75 12.16
N ALA B 60 12.94 18.51 11.14
CA ALA B 60 12.23 18.47 9.86
C ALA B 60 12.92 17.52 8.91
N ILE B 61 12.29 17.28 7.76
CA ILE B 61 12.87 16.43 6.73
C ILE B 61 13.71 17.40 5.90
N ASP B 62 14.94 17.02 5.59
CA ASP B 62 15.82 17.87 4.80
C ASP B 62 16.24 17.19 3.52
N ALA B 63 16.06 17.88 2.40
CA ALA B 63 16.42 17.36 1.09
C ALA B 63 17.54 18.19 0.48
N SER B 64 18.45 18.66 1.33
CA SER B 64 19.57 19.47 0.87
C SER B 64 20.58 18.62 0.10
N HIS B 65 20.66 17.34 0.45
CA HIS B 65 21.58 16.41 -0.21
C HIS B 65 20.81 15.41 -1.06
N GLU B 66 21.53 14.43 -1.62
CA GLU B 66 20.90 13.42 -2.45
C GLU B 66 19.81 12.69 -1.68
N GLN B 67 20.20 12.05 -0.58
CA GLN B 67 19.25 11.31 0.25
C GLN B 67 18.75 12.18 1.39
N ILE B 68 17.45 12.14 1.65
CA ILE B 68 16.90 12.98 2.70
C ILE B 68 17.40 12.52 4.07
N GLU B 69 17.43 13.47 5.00
CA GLU B 69 17.89 13.21 6.36
C GLU B 69 17.19 14.22 7.25
N THR B 70 17.33 14.05 8.56
CA THR B 70 16.72 14.98 9.49
C THR B 70 17.62 16.17 9.73
N GLN B 71 17.01 17.30 10.03
CA GLN B 71 17.71 18.54 10.33
C GLN B 71 16.73 19.43 11.08
N PRO B 72 17.22 20.25 12.01
CA PRO B 72 16.29 21.11 12.73
C PRO B 72 15.63 22.03 11.71
N PHE B 73 14.35 22.33 11.91
CA PHE B 73 13.66 23.19 10.96
C PHE B 73 14.31 24.57 10.82
N ASP B 74 14.32 25.07 9.60
CA ASP B 74 14.88 26.37 9.28
C ASP B 74 13.91 27.02 8.31
N PRO B 75 13.20 28.07 8.76
CA PRO B 75 12.24 28.74 7.88
C PRO B 75 12.85 29.29 6.60
N ASN B 76 14.17 29.48 6.60
CA ASN B 76 14.87 30.00 5.43
C ASN B 76 15.45 28.94 4.49
N ASN B 77 15.19 27.68 4.76
CA ASN B 77 15.69 26.59 3.92
C ASN B 77 14.51 25.88 3.26
N PRO B 78 14.22 26.20 2.00
CA PRO B 78 13.09 25.58 1.28
C PRO B 78 13.12 24.07 1.30
N LYS B 79 14.31 23.49 1.37
CA LYS B 79 14.46 22.04 1.36
C LYS B 79 14.12 21.36 2.68
N ARG B 80 13.69 22.13 3.67
CA ARG B 80 13.32 21.56 4.97
C ARG B 80 11.83 21.72 5.26
N ALA B 81 11.07 22.17 4.27
CA ALA B 81 9.64 22.36 4.43
C ALA B 81 8.87 21.36 3.57
N TRP B 82 8.47 20.25 4.19
CA TRP B 82 7.71 19.21 3.51
C TRP B 82 6.32 19.06 4.14
N ILE B 83 5.31 18.88 3.30
CA ILE B 83 3.94 18.76 3.79
C ILE B 83 3.25 17.49 3.31
N VAL B 84 2.16 17.15 3.99
CA VAL B 84 1.37 15.97 3.62
C VAL B 84 0.27 16.45 2.69
N SER B 85 0.25 15.92 1.48
CA SER B 85 -0.77 16.29 0.51
C SER B 85 -1.36 15.03 -0.11
N GLY B 86 -2.40 14.50 0.54
CA GLY B 86 -3.03 13.29 0.07
C GLY B 86 -2.13 12.10 0.30
N ASN B 87 -1.59 11.53 -0.77
CA ASN B 87 -0.68 10.38 -0.68
C ASN B 87 0.69 10.84 -1.11
N THR B 88 0.91 12.15 -1.06
CA THR B 88 2.17 12.74 -1.47
C THR B 88 2.83 13.54 -0.36
N ILE B 89 4.16 13.44 -0.29
CA ILE B 89 4.91 14.24 0.69
C ILE B 89 5.61 15.21 -0.26
N ALA B 90 5.09 16.44 -0.32
CA ALA B 90 5.61 17.45 -1.23
C ALA B 90 6.33 18.62 -0.60
N GLN B 91 7.20 19.27 -1.38
CA GLN B 91 7.94 20.43 -0.90
C GLN B 91 7.00 21.62 -0.90
N LEU B 92 6.87 22.27 0.25
CA LEU B 92 5.97 23.41 0.37
C LEU B 92 6.08 24.45 -0.75
N SER B 93 7.31 24.85 -1.08
CA SER B 93 7.52 25.87 -2.11
C SER B 93 7.72 25.33 -3.53
N ASP B 94 7.62 24.01 -3.70
CA ASP B 94 7.82 23.37 -4.99
C ASP B 94 6.99 22.09 -4.94
N ARG B 95 5.66 22.25 -5.05
CA ARG B 95 4.76 21.10 -4.95
C ARG B 95 4.97 19.96 -5.92
N ASP B 96 5.59 20.24 -7.07
CA ASP B 96 5.82 19.18 -8.04
C ASP B 96 7.05 18.36 -7.65
N ASN B 97 7.78 18.81 -6.64
CA ASN B 97 8.97 18.08 -6.17
C ASN B 97 8.49 17.29 -4.97
N VAL B 98 8.49 15.96 -5.09
CA VAL B 98 7.98 15.12 -4.02
C VAL B 98 8.90 13.97 -3.62
N LEU B 99 8.73 13.49 -2.41
CA LEU B 99 9.56 12.39 -1.92
C LEU B 99 9.19 11.09 -2.59
N GLY B 100 10.18 10.22 -2.73
CA GLY B 100 9.94 8.93 -3.33
C GLY B 100 10.91 7.93 -2.73
N VAL B 101 10.54 6.65 -2.75
CA VAL B 101 11.39 5.60 -2.22
C VAL B 101 12.15 4.92 -3.35
N ILE B 102 13.43 4.64 -3.13
CA ILE B 102 14.26 3.96 -4.12
C ILE B 102 14.86 2.77 -3.38
N LYS B 103 14.59 1.57 -3.87
CA LYS B 103 15.12 0.38 -3.23
C LYS B 103 16.62 0.23 -3.36
N SER B 104 17.20 -0.49 -2.40
CA SER B 104 18.64 -0.73 -2.37
C SER B 104 19.06 -1.73 -3.43
N ASP B 105 20.31 -1.64 -3.83
CA ASP B 105 20.90 -2.54 -4.81
C ASP B 105 21.75 -3.59 -4.10
N LYS B 106 21.80 -3.51 -2.78
CA LYS B 106 22.59 -4.44 -1.98
C LYS B 106 21.76 -5.18 -0.93
N GLY B 107 20.45 -5.01 -0.97
CA GLY B 107 19.60 -5.68 -0.01
C GLY B 107 19.49 -4.93 1.30
N ALA B 108 19.90 -3.66 1.31
CA ALA B 108 19.84 -2.84 2.51
C ALA B 108 18.48 -2.14 2.57
N SER B 109 18.29 -1.28 3.56
CA SER B 109 17.03 -0.54 3.69
C SER B 109 16.91 0.43 2.53
N ALA B 110 15.70 0.60 2.01
CA ALA B 110 15.49 1.52 0.90
C ALA B 110 15.72 2.93 1.40
N HIS B 111 16.15 3.83 0.52
CA HIS B 111 16.35 5.21 0.92
C HIS B 111 15.32 6.08 0.24
N ILE B 112 15.33 7.36 0.56
CA ILE B 112 14.35 8.29 0.01
C ILE B 112 15.01 9.49 -0.62
N CYS B 113 14.48 9.90 -1.76
CA CYS B 113 14.99 11.06 -2.48
C CYS B 113 13.78 11.90 -2.87
N ALA B 114 14.04 13.11 -3.37
CA ALA B 114 12.98 14.00 -3.82
C ALA B 114 13.20 14.28 -5.30
N TRP B 115 12.14 14.14 -6.10
CA TRP B 115 12.22 14.41 -7.53
C TRP B 115 10.84 14.71 -8.11
N LYS B 116 10.80 15.20 -9.34
CA LYS B 116 9.55 15.52 -10.00
C LYS B 116 8.50 14.42 -9.90
N GLN B 117 7.28 14.81 -9.59
CA GLN B 117 6.17 13.87 -9.48
C GLN B 117 6.04 13.07 -10.78
N HIS B 118 6.06 11.74 -10.68
CA HIS B 118 5.95 10.88 -11.86
C HIS B 118 4.80 9.88 -11.86
N GLY B 119 4.05 9.82 -10.76
CA GLY B 119 2.92 8.92 -10.72
C GLY B 119 3.12 7.42 -10.51
N GLY B 120 4.32 6.99 -10.12
CA GLY B 120 4.50 5.57 -9.88
C GLY B 120 4.23 5.31 -8.40
N PRO B 121 4.30 4.06 -7.92
CA PRO B 121 4.04 3.84 -6.49
C PRO B 121 5.19 4.34 -5.60
N ASN B 122 6.38 4.47 -6.17
CA ASN B 122 7.52 4.93 -5.40
C ASN B 122 7.32 6.28 -4.71
N GLN B 123 6.52 7.15 -5.31
CA GLN B 123 6.26 8.46 -4.72
C GLN B 123 4.90 8.57 -4.02
N LYS B 124 4.31 7.42 -3.70
CA LYS B 124 3.02 7.40 -3.02
C LYS B 124 3.16 6.90 -1.59
N PHE B 125 2.53 7.60 -0.66
CA PHE B 125 2.59 7.25 0.76
C PHE B 125 1.20 7.28 1.37
N ILE B 126 1.04 6.55 2.47
CA ILE B 126 -0.23 6.52 3.18
C ILE B 126 0.02 6.96 4.62
N ILE B 127 -0.81 7.87 5.10
CA ILE B 127 -0.71 8.38 6.46
C ILE B 127 -1.51 7.46 7.39
N GLU B 128 -0.88 7.02 8.47
CA GLU B 128 -1.54 6.14 9.44
C GLU B 128 -1.34 6.70 10.84
N SER B 129 -2.42 6.83 11.59
CA SER B 129 -2.35 7.36 12.94
C SER B 129 -1.51 6.47 13.82
N GLU B 130 -0.86 7.05 14.83
CA GLU B 130 -0.05 6.26 15.75
C GLU B 130 -0.98 5.32 16.50
C2 BGC C . -23.47 -25.14 -3.82
C3 BGC C . -23.01 -23.73 -4.20
C4 BGC C . -23.10 -23.61 -5.72
C5 BGC C . -24.55 -23.85 -6.15
C6 BGC C . -24.74 -23.76 -7.65
C1 BGC C . -24.91 -25.34 -4.30
O1 BGC C . -25.32 -26.63 -4.01
O2 BGC C . -23.41 -25.28 -2.40
O3 BGC C . -21.66 -23.53 -3.78
O4 BGC C . -22.69 -22.31 -6.16
O5 BGC C . -24.97 -25.17 -5.73
O6 BGC C . -24.08 -24.82 -8.33
C1 GAL C . -21.52 -22.25 -6.90
C2 GAL C . -21.25 -20.80 -7.32
C3 GAL C . -19.92 -20.75 -8.08
C4 GAL C . -18.82 -21.27 -7.16
C5 GAL C . -19.16 -22.69 -6.75
C6 GAL C . -18.16 -23.32 -5.82
O2 GAL C . -22.30 -20.37 -8.19
O3 GAL C . -19.65 -19.42 -8.49
O4 GAL C . -18.71 -20.44 -6.01
O5 GAL C . -20.44 -22.72 -6.06
O6 GAL C . -18.41 -24.74 -5.75
C1 SIA C . -16.55 -25.17 -4.32
C2 SIA C . -18.05 -25.36 -4.57
C3 SIA C . -18.38 -26.87 -4.65
C4 SIA C . -18.02 -27.52 -3.31
C5 SIA C . -18.84 -26.84 -2.21
C6 SIA C . -18.47 -25.35 -2.20
C7 SIA C . -19.26 -24.61 -1.12
C8 SIA C . -18.86 -23.14 -1.09
C9 SIA C . -19.64 -22.41 -0.01
C10 SIA C . -19.40 -27.54 0.06
C11 SIA C . -18.92 -28.19 1.35
N5 SIA C . -18.51 -27.43 -0.94
O1A SIA C . -15.74 -25.83 -5.01
O1B SIA C . -16.19 -24.34 -3.46
O4 SIA C . -18.35 -28.91 -3.36
O6 SIA C . -18.78 -24.76 -3.49
O7 SIA C . -20.65 -24.72 -1.39
O8 SIA C . -17.47 -23.03 -0.83
O9 SIA C . -19.26 -21.04 0.01
O10 SIA C . -20.56 -27.14 -0.04
C2 BGC D . 21.42 -0.77 15.43
C3 BGC D . 20.22 0.17 15.35
C4 BGC D . 18.96 -0.65 15.57
C5 BGC D . 19.04 -1.34 16.94
C6 BGC D . 17.84 -2.21 17.24
C1 BGC D . 21.43 -1.46 16.80
O1 BGC D . 22.48 -2.36 16.86
O2 BGC D . 22.63 -0.05 15.24
O3 BGC D . 20.19 0.81 14.09
O4 BGC D . 17.80 0.23 15.53
O5 BGC D . 20.21 -2.19 16.99
O6 BGC D . 17.74 -3.29 16.31
C1 GAL D . 16.94 0.05 14.46
C2 GAL D . 15.76 1.03 14.59
C3 GAL D . 14.85 0.86 13.38
C4 GAL D . 15.67 1.14 12.11
C5 GAL D . 16.84 0.15 12.07
C6 GAL D . 17.76 0.34 10.87
O2 GAL D . 15.03 0.74 15.77
O3 GAL D . 13.77 1.78 13.47
O4 GAL D . 16.14 2.48 12.12
O5 GAL D . 17.66 0.32 13.25
O6 GAL D . 18.84 -0.61 10.94
C1 SIA D . 19.25 -0.64 8.60
C2 SIA D . 19.85 -0.50 10.01
C3 SIA D . 20.90 -1.59 10.24
C4 SIA D . 22.06 -1.40 9.25
C5 SIA D . 22.64 -0.01 9.45
C6 SIA D . 21.53 1.03 9.21
C7 SIA D . 22.04 2.45 9.38
C8 SIA D . 20.86 3.43 9.28
C9 SIA D . 21.35 4.86 9.44
C10 SIA D . 25.02 -0.07 8.73
C11 SIA D . 25.98 0.26 7.60
N5 SIA D . 23.74 0.22 8.52
O1A SIA D . 19.00 -1.78 8.17
O1B SIA D . 19.03 0.40 7.95
O4 SIA D . 23.05 -2.39 9.48
O6 SIA D . 20.44 0.80 10.14
O7 SIA D . 22.66 2.59 10.65
O8 SIA D . 20.23 3.28 8.01
O9 SIA D . 22.29 5.16 8.43
O10 SIA D . 25.44 -0.60 9.76
S SO4 E . 11.79 -14.57 0.27
O1 SO4 E . 12.58 -15.72 0.75
O2 SO4 E . 10.36 -14.89 0.29
O3 SO4 E . 12.20 -14.23 -1.10
O4 SO4 E . 12.05 -13.41 1.15
S SO4 F . -7.48 -26.11 -9.98
O1 SO4 F . -6.42 -25.09 -9.86
O2 SO4 F . -8.45 -25.95 -8.89
O3 SO4 F . -6.88 -27.46 -9.92
O4 SO4 F . -8.17 -25.94 -11.28
S SO4 G . -7.12 -26.54 1.28
O1 SO4 G . -7.71 -26.84 2.59
O2 SO4 G . -8.12 -26.78 0.23
O3 SO4 G . -5.95 -27.40 1.05
O4 SO4 G . -6.71 -25.12 1.25
S SO4 H . -2.77 -6.63 13.13
O1 SO4 H . -2.49 -5.18 13.13
O2 SO4 H . -4.15 -6.86 12.66
O3 SO4 H . -2.63 -7.17 14.50
O4 SO4 H . -1.84 -7.32 12.23
S SO4 I . 22.13 1.41 -1.91
O1 SO4 I . 21.53 0.90 -0.66
O2 SO4 I . 23.49 1.92 -1.62
O3 SO4 I . 21.30 2.50 -2.43
O4 SO4 I . 22.21 0.32 -2.90
#